data_9DQ0
#
_entry.id   9DQ0
#
_cell.length_a   44.496
_cell.length_b   75.033
_cell.length_c   86.568
_cell.angle_alpha   90.000
_cell.angle_beta   90.609
_cell.angle_gamma   90.000
#
_symmetry.space_group_name_H-M   'P 1 21 1'
#
loop_
_entity.id
_entity.type
_entity.pdbx_description
1 polymer 'BsmA domain containing protein'
2 non-polymer 'ACETIC ACID'
3 non-polymer 'MAGNESIUM ION'
4 non-polymer 1,2-ETHANEDIOL
5 water water
#
_entity_poly.entity_id   1
_entity_poly.type   'polypeptide(L)'
_entity_poly.pdbx_seq_one_letter_code
;MPLGTEGFTVIDLPEVAPDILPSYDRCPVDDYMGNGTRFKRFSQYKLTPAEDDTWSFKRLPHRDYTTYKKFNPVGGGIRR
VYEPIEVDFTPLISEGIRELGLDRSEPWQINVHQNRTRADGGRPGPLTPEGVHHDGHEFVMIAILNKVNVAGGTTRLWKP
GADAPFWSGTLEAGQAVLLDDRGLAHDVTDVLSADGGPGHRDIVIIAFSRWAEKWYGDEHDAAALEEQEAHHHHHH
;
_entity_poly.pdbx_strand_id   A,B
#
loop_
_chem_comp.id
_chem_comp.type
_chem_comp.name
_chem_comp.formula
ACY non-polymer 'ACETIC ACID' 'C2 H4 O2'
EDO non-polymer 1,2-ETHANEDIOL 'C2 H6 O2'
MG non-polymer 'MAGNESIUM ION' 'Mg 2'
#
# COMPACT_ATOMS: atom_id res chain seq x y z
N PRO A 2 30.75 -3.53 15.40
CA PRO A 2 29.59 -4.05 14.67
C PRO A 2 28.26 -3.81 15.38
N LEU A 3 27.25 -4.57 14.98
CA LEU A 3 25.90 -4.28 15.47
C LEU A 3 25.74 -4.67 16.93
N GLY A 4 26.11 -5.89 17.27
CA GLY A 4 25.83 -6.32 18.62
C GLY A 4 24.62 -7.24 18.69
N THR A 5 24.40 -7.77 19.90
CA THR A 5 23.65 -9.00 20.07
C THR A 5 22.20 -8.89 19.66
N GLU A 6 21.60 -7.72 19.79
CA GLU A 6 20.20 -7.59 19.40
C GLU A 6 20.03 -7.30 17.91
N GLY A 7 21.12 -7.14 17.18
CA GLY A 7 21.04 -7.00 15.74
C GLY A 7 20.74 -5.60 15.25
N PHE A 8 20.89 -4.58 16.10
CA PHE A 8 20.71 -3.21 15.67
C PHE A 8 21.57 -2.30 16.53
N THR A 9 21.86 -1.12 15.99
CA THR A 9 22.55 -0.07 16.72
CA THR A 9 22.48 -0.07 16.77
C THR A 9 22.00 1.27 16.25
N VAL A 10 21.88 2.23 17.16
CA VAL A 10 21.50 3.60 16.83
C VAL A 10 22.75 4.46 16.95
N ILE A 11 23.05 5.24 15.91
CA ILE A 11 24.26 6.06 15.88
C ILE A 11 23.91 7.51 15.61
N ASP A 12 24.78 8.41 16.08
CA ASP A 12 24.72 9.82 15.70
C ASP A 12 25.49 10.03 14.39
N LEU A 13 25.01 10.95 13.59
CA LEU A 13 25.68 11.17 12.32
C LEU A 13 26.51 12.44 12.39
N PRO A 14 27.56 12.54 11.60
CA PRO A 14 28.31 13.80 11.53
C PRO A 14 27.51 14.84 10.76
N GLU A 15 27.98 16.09 10.84
CA GLU A 15 27.48 17.18 10.02
C GLU A 15 27.54 16.79 8.54
N VAL A 16 26.55 17.26 7.78
CA VAL A 16 26.45 16.96 6.37
C VAL A 16 26.71 18.23 5.57
N ALA A 17 27.15 18.06 4.33
CA ALA A 17 27.43 19.18 3.44
C ALA A 17 26.18 20.06 3.31
N PRO A 18 26.35 21.36 3.08
CA PRO A 18 25.18 22.24 3.04
C PRO A 18 24.24 21.99 1.87
N ASP A 19 24.60 21.14 0.90
CA ASP A 19 23.66 20.87 -0.19
C ASP A 19 22.69 19.73 0.12
N ILE A 20 22.91 18.96 1.19
CA ILE A 20 22.11 17.74 1.39
C ILE A 20 20.66 18.08 1.78
N LEU A 21 20.48 18.86 2.85
CA LEU A 21 19.13 19.17 3.28
C LEU A 21 18.30 19.89 2.22
N PRO A 22 18.80 20.90 1.51
CA PRO A 22 17.96 21.55 0.49
C PRO A 22 17.58 20.63 -0.65
N SER A 23 18.42 19.63 -0.95
CA SER A 23 18.15 18.77 -2.09
C SER A 23 16.84 18.01 -1.93
N TYR A 24 16.33 17.88 -0.70
CA TYR A 24 15.06 17.20 -0.49
C TYR A 24 13.89 17.98 -1.11
N ASP A 25 14.00 19.30 -1.21
CA ASP A 25 12.95 20.07 -1.88
C ASP A 25 12.90 19.79 -3.38
N ARG A 26 13.93 19.15 -3.95
CA ARG A 26 13.95 18.89 -5.38
C ARG A 26 13.75 17.41 -5.70
N CYS A 27 13.22 16.63 -4.75
CA CYS A 27 12.86 15.25 -5.07
C CYS A 27 11.44 15.21 -5.61
N PRO A 28 11.24 14.64 -6.79
CA PRO A 28 9.89 14.55 -7.35
C PRO A 28 9.06 13.51 -6.62
N VAL A 29 7.76 13.52 -6.90
CA VAL A 29 6.85 12.62 -6.20
C VAL A 29 7.18 11.18 -6.56
N ASP A 30 7.06 10.29 -5.58
CA ASP A 30 7.17 8.86 -5.81
C ASP A 30 5.85 8.41 -6.41
N ASP A 31 5.87 8.01 -7.69
CA ASP A 31 4.63 7.60 -8.36
C ASP A 31 4.14 6.23 -7.90
N TYR A 32 4.93 5.48 -7.14
CA TYR A 32 4.59 4.09 -6.89
C TYR A 32 4.20 3.78 -5.46
N MET A 33 4.62 4.60 -4.50
CA MET A 33 4.35 4.36 -3.09
CA MET A 33 4.28 4.34 -3.11
C MET A 33 3.94 5.66 -2.42
N GLY A 34 3.07 5.55 -1.42
CA GLY A 34 2.76 6.68 -0.56
C GLY A 34 1.60 7.53 -1.01
N ASN A 35 1.04 7.26 -2.18
CA ASN A 35 -0.19 7.91 -2.62
C ASN A 35 -0.08 9.43 -2.52
N GLY A 36 1.01 9.94 -3.07
CA GLY A 36 1.25 11.36 -3.17
C GLY A 36 1.97 11.97 -1.97
N THR A 37 2.15 11.22 -0.88
CA THR A 37 2.83 11.76 0.30
C THR A 37 4.33 11.58 0.25
N ARG A 38 4.85 10.86 -0.73
CA ARG A 38 6.25 10.51 -0.73
C ARG A 38 6.95 11.06 -1.96
N PHE A 39 8.21 11.46 -1.77
CA PHE A 39 9.04 12.06 -2.79
C PHE A 39 10.43 11.41 -2.69
N LYS A 40 11.06 11.16 -3.83
CA LYS A 40 12.13 10.16 -3.86
C LYS A 40 13.13 10.41 -4.98
N ARG A 41 14.40 10.15 -4.68
CA ARG A 41 15.42 9.90 -5.69
C ARG A 41 16.16 8.63 -5.28
N PHE A 42 16.87 8.03 -6.24
CA PHE A 42 17.39 6.67 -6.06
C PHE A 42 18.68 6.52 -6.84
N SER A 43 19.72 6.00 -6.18
CA SER A 43 20.95 5.64 -6.85
CA SER A 43 20.95 5.65 -6.85
C SER A 43 21.51 4.36 -6.25
N GLN A 44 22.39 3.71 -7.01
CA GLN A 44 23.01 2.48 -6.58
C GLN A 44 24.52 2.61 -6.69
N TYR A 45 25.23 2.02 -5.74
CA TYR A 45 26.69 2.10 -5.74
C TYR A 45 27.28 0.72 -5.56
N LYS A 46 28.47 0.56 -6.12
CA LYS A 46 29.36 -0.52 -5.79
C LYS A 46 30.30 -0.05 -4.67
N LEU A 47 30.46 -0.88 -3.65
CA LEU A 47 31.33 -0.63 -2.52
C LEU A 47 32.47 -1.63 -2.59
N THR A 48 33.67 -1.14 -2.85
CA THR A 48 34.78 -2.06 -2.94
C THR A 48 35.75 -1.83 -1.80
N PRO A 49 36.24 -2.90 -1.18
CA PRO A 49 37.37 -2.76 -0.25
C PRO A 49 38.56 -2.21 -1.02
N ALA A 50 39.07 -1.09 -0.56
CA ALA A 50 40.23 -0.44 -1.12
C ALA A 50 41.37 -0.55 -0.12
N GLU A 51 42.59 -0.23 -0.58
CA GLU A 51 43.70 -0.33 0.35
C GLU A 51 43.49 0.60 1.54
N ASP A 52 44.23 0.31 2.62
CA ASP A 52 44.29 1.15 3.82
C ASP A 52 43.00 1.09 4.63
N ASP A 53 42.31 -0.07 4.60
CA ASP A 53 41.11 -0.27 5.41
C ASP A 53 40.04 0.76 5.05
N THR A 54 40.02 1.15 3.79
CA THR A 54 39.09 2.13 3.27
C THR A 54 38.11 1.46 2.32
N TRP A 55 37.02 2.16 2.06
CA TRP A 55 36.03 1.69 1.11
C TRP A 55 35.86 2.70 -0.01
N SER A 56 35.81 2.19 -1.23
CA SER A 56 35.60 3.02 -2.41
C SER A 56 34.15 2.90 -2.87
N PHE A 57 33.52 4.04 -3.16
CA PHE A 57 32.17 4.06 -3.70
C PHE A 57 32.24 4.35 -5.19
N LYS A 58 31.51 3.57 -5.98
CA LYS A 58 31.37 3.85 -7.41
C LYS A 58 29.90 3.85 -7.78
N ARG A 59 29.41 5.00 -8.26
CA ARG A 59 28.03 5.14 -8.68
C ARG A 59 27.80 4.32 -9.94
N LEU A 60 26.83 3.39 -9.89
CA LEU A 60 26.52 2.48 -10.98
C LEU A 60 25.62 3.17 -12.00
N PRO A 61 25.68 2.73 -13.26
CA PRO A 61 24.73 3.22 -14.27
C PRO A 61 23.29 3.19 -13.74
N HIS A 62 22.58 4.29 -13.94
CA HIS A 62 21.26 4.44 -13.34
C HIS A 62 20.28 3.45 -13.94
N ARG A 63 19.56 2.74 -13.06
CA ARG A 63 18.60 1.72 -13.48
C ARG A 63 17.33 1.85 -12.65
N ASP A 64 16.20 1.44 -13.23
CA ASP A 64 14.96 1.33 -12.46
C ASP A 64 15.19 0.52 -11.19
N TYR A 65 14.48 0.89 -10.13
CA TYR A 65 14.50 0.13 -8.89
C TYR A 65 13.52 -1.03 -9.00
N THR A 66 13.95 -2.21 -8.61
CA THR A 66 13.08 -3.36 -8.53
C THR A 66 13.30 -4.07 -7.21
N THR A 67 12.22 -4.49 -6.58
CA THR A 67 12.30 -5.29 -5.37
C THR A 67 11.28 -6.41 -5.48
N TYR A 68 11.34 -7.34 -4.54
CA TYR A 68 10.48 -8.52 -4.57
C TYR A 68 9.20 -8.28 -3.81
N LYS A 69 8.09 -8.78 -4.36
CA LYS A 69 6.82 -8.78 -3.62
C LYS A 69 6.93 -9.53 -2.30
N LYS A 70 7.77 -10.55 -2.22
CA LYS A 70 7.94 -11.27 -0.95
C LYS A 70 8.45 -10.36 0.16
N PHE A 71 9.18 -9.29 -0.18
CA PHE A 71 9.66 -8.35 0.82
C PHE A 71 8.81 -7.09 0.89
N ASN A 72 8.31 -6.61 -0.24
CA ASN A 72 7.50 -5.40 -0.28
C ASN A 72 6.29 -5.74 -1.12
N PRO A 73 5.18 -6.16 -0.50
CA PRO A 73 4.00 -6.55 -1.28
C PRO A 73 3.31 -5.37 -1.94
N VAL A 74 3.52 -4.16 -1.44
CA VAL A 74 2.84 -3.00 -2.01
C VAL A 74 3.63 -2.43 -3.20
N GLY A 75 4.96 -2.45 -3.13
CA GLY A 75 5.75 -1.87 -4.19
C GLY A 75 6.72 -2.83 -4.86
N GLY A 76 6.55 -4.14 -4.63
CA GLY A 76 7.45 -5.12 -5.18
C GLY A 76 7.01 -5.61 -6.56
N GLY A 77 7.96 -6.24 -7.26
CA GLY A 77 7.66 -6.91 -8.50
C GLY A 77 7.39 -6.03 -9.69
N ILE A 78 7.69 -4.73 -9.61
CA ILE A 78 7.54 -3.81 -10.74
C ILE A 78 8.80 -2.97 -10.91
N ARG A 79 8.98 -2.46 -12.13
CA ARG A 79 10.06 -1.53 -12.44
C ARG A 79 9.64 -0.16 -11.94
N ARG A 80 10.45 0.43 -11.09
CA ARG A 80 10.11 1.72 -10.52
C ARG A 80 11.12 2.74 -11.03
N VAL A 81 10.64 3.64 -11.89
CA VAL A 81 11.49 4.58 -12.61
C VAL A 81 11.63 5.81 -11.74
N TYR A 82 12.81 5.98 -11.15
CA TYR A 82 13.13 7.11 -10.32
C TYR A 82 14.25 7.91 -10.96
N GLU A 83 14.41 9.09 -10.51
CA GLU A 83 15.52 9.92 -10.95
C GLU A 83 16.72 9.74 -10.01
N PRO A 84 17.94 9.94 -10.51
CA PRO A 84 19.12 9.73 -9.66
C PRO A 84 19.20 10.75 -8.54
N ILE A 85 19.92 10.35 -7.49
CA ILE A 85 20.22 11.25 -6.38
C ILE A 85 21.23 12.28 -6.87
N GLU A 86 21.04 13.53 -6.47
CA GLU A 86 21.94 14.60 -6.93
C GLU A 86 23.15 14.72 -6.03
N VAL A 87 22.94 14.67 -4.71
CA VAL A 87 23.96 14.94 -3.73
C VAL A 87 24.75 13.68 -3.42
N ASP A 88 25.69 13.77 -2.50
CA ASP A 88 26.63 12.68 -2.24
C ASP A 88 26.46 12.25 -0.79
N PHE A 89 25.70 11.18 -0.61
CA PHE A 89 25.48 10.59 0.70
C PHE A 89 26.62 9.69 1.16
N THR A 90 27.67 9.54 0.35
CA THR A 90 28.64 8.51 0.68
C THR A 90 29.42 8.81 1.98
N PRO A 91 29.73 10.06 2.34
CA PRO A 91 30.31 10.25 3.70
C PRO A 91 29.39 9.75 4.82
N LEU A 92 28.11 10.08 4.74
CA LEU A 92 27.16 9.58 5.74
C LEU A 92 27.11 8.05 5.73
N ILE A 93 27.06 7.44 4.55
CA ILE A 93 27.06 5.98 4.44
C ILE A 93 28.30 5.38 5.09
N SER A 94 29.46 6.05 4.94
CA SER A 94 30.69 5.52 5.50
C SER A 94 30.62 5.40 7.01
N GLU A 95 29.89 6.30 7.68
CA GLU A 95 29.65 6.12 9.11
C GLU A 95 28.94 4.81 9.36
N GLY A 96 28.00 4.45 8.49
CA GLY A 96 27.32 3.18 8.63
C GLY A 96 28.26 2.01 8.39
N ILE A 97 29.05 2.07 7.32
CA ILE A 97 30.01 1.00 7.03
C ILE A 97 30.96 0.80 8.20
N ARG A 98 31.45 1.89 8.78
CA ARG A 98 32.35 1.80 9.92
C ARG A 98 31.69 1.10 11.10
N GLU A 99 30.46 1.50 11.41
CA GLU A 99 29.75 0.94 12.56
C GLU A 99 29.35 -0.52 12.31
N LEU A 100 28.93 -0.84 11.09
CA LEU A 100 28.63 -2.23 10.71
C LEU A 100 29.87 -3.11 10.75
N GLY A 101 31.05 -2.54 10.53
CA GLY A 101 32.23 -3.35 10.22
C GLY A 101 32.00 -4.28 9.05
N LEU A 102 31.57 -3.73 7.91
CA LEU A 102 31.30 -4.52 6.71
C LEU A 102 32.46 -5.47 6.37
N ASP A 103 32.11 -6.72 6.10
CA ASP A 103 33.03 -7.77 5.69
C ASP A 103 33.87 -7.29 4.51
N ARG A 104 35.17 -7.10 4.73
CA ARG A 104 36.06 -6.63 3.68
C ARG A 104 36.44 -7.72 2.68
N SER A 105 35.96 -8.95 2.89
CA SER A 105 36.44 -10.09 2.10
C SER A 105 35.77 -10.19 0.73
N GLU A 106 34.72 -9.43 0.46
CA GLU A 106 34.20 -9.36 -0.90
C GLU A 106 33.59 -7.98 -1.07
N PRO A 107 33.42 -7.52 -2.31
CA PRO A 107 32.81 -6.21 -2.53
C PRO A 107 31.31 -6.25 -2.27
N TRP A 108 30.74 -5.05 -2.11
CA TRP A 108 29.34 -4.87 -1.75
C TRP A 108 28.64 -4.01 -2.78
N GLN A 109 27.31 -4.04 -2.74
CA GLN A 109 26.48 -3.17 -3.57
C GLN A 109 25.40 -2.56 -2.70
N ILE A 110 25.13 -1.26 -2.85
CA ILE A 110 24.12 -0.61 -2.03
C ILE A 110 23.03 0.02 -2.89
N ASN A 111 21.79 -0.09 -2.40
CA ASN A 111 20.69 0.74 -2.87
C ASN A 111 20.57 1.94 -1.94
N VAL A 112 20.40 3.12 -2.54
CA VAL A 112 20.33 4.36 -1.77
C VAL A 112 19.04 5.07 -2.13
N HIS A 113 18.18 5.25 -1.14
CA HIS A 113 16.86 5.85 -1.32
C HIS A 113 16.87 7.19 -0.62
N GLN A 114 16.75 8.27 -1.38
CA GLN A 114 16.54 9.58 -0.78
C GLN A 114 15.03 9.81 -0.69
N ASN A 115 14.48 9.81 0.53
CA ASN A 115 13.03 9.83 0.73
C ASN A 115 12.60 11.06 1.53
N ARG A 116 11.55 11.72 1.06
CA ARG A 116 10.80 12.69 1.85
C ARG A 116 9.36 12.20 1.97
N THR A 117 8.87 12.13 3.19
CA THR A 117 7.46 11.86 3.41
C THR A 117 6.81 13.09 4.06
N ARG A 118 5.71 13.55 3.48
CA ARG A 118 4.98 14.69 4.01
C ARG A 118 3.77 14.23 4.81
N ALA A 119 3.46 14.98 5.86
CA ALA A 119 2.23 14.78 6.61
C ALA A 119 1.49 16.10 6.64
N ASP A 120 0.16 16.02 6.76
CA ASP A 120 -0.63 17.22 6.96
C ASP A 120 -1.75 16.90 7.93
N GLY A 121 -2.50 17.94 8.30
CA GLY A 121 -3.56 17.78 9.30
C GLY A 121 -4.50 16.63 9.00
N GLY A 122 -4.98 16.53 7.77
CA GLY A 122 -5.90 15.43 7.51
C GLY A 122 -5.25 14.09 7.24
N ARG A 123 -3.95 14.08 6.98
CA ARG A 123 -3.34 13.06 6.14
C ARG A 123 -1.97 12.69 6.68
N PRO A 124 -1.88 11.62 7.47
CA PRO A 124 -0.55 11.15 7.89
C PRO A 124 0.28 10.67 6.71
N GLY A 125 1.57 10.56 6.95
CA GLY A 125 2.49 10.14 5.93
C GLY A 125 2.99 8.74 6.18
N PRO A 126 2.52 7.78 5.38
CA PRO A 126 2.90 6.38 5.61
C PRO A 126 4.36 6.13 5.26
N LEU A 127 5.08 5.51 6.19
CA LEU A 127 6.49 5.19 6.00
C LEU A 127 6.72 3.74 5.59
N THR A 128 5.97 2.79 6.16
CA THR A 128 6.09 1.38 5.80
C THR A 128 4.68 0.83 5.57
N PRO A 129 4.00 1.27 4.52
CA PRO A 129 2.69 0.68 4.22
C PRO A 129 2.77 -0.79 3.95
N GLU A 130 3.96 -1.32 3.58
CA GLU A 130 4.13 -2.75 3.49
C GLU A 130 3.96 -3.45 4.85
N GLY A 131 3.98 -2.69 5.95
CA GLY A 131 3.89 -3.29 7.28
C GLY A 131 5.23 -3.83 7.78
N VAL A 132 5.15 -4.70 8.79
CA VAL A 132 6.34 -5.34 9.32
C VAL A 132 6.97 -6.20 8.24
N HIS A 133 8.27 -6.07 8.04
CA HIS A 133 8.86 -6.67 6.84
C HIS A 133 10.37 -6.69 6.98
N HIS A 134 10.99 -7.49 6.11
CA HIS A 134 12.42 -7.42 5.83
C HIS A 134 12.60 -6.74 4.49
N ASP A 135 13.66 -5.94 4.33
CA ASP A 135 13.84 -5.37 3.00
C ASP A 135 14.39 -6.38 2.01
N GLY A 136 14.98 -7.47 2.50
CA GLY A 136 15.54 -8.49 1.65
C GLY A 136 17.04 -8.46 1.54
N HIS A 137 17.71 -7.57 2.25
CA HIS A 137 19.16 -7.41 2.13
C HIS A 137 19.85 -7.98 3.37
N GLU A 138 21.17 -7.77 3.46
CA GLU A 138 21.88 -8.26 4.64
C GLU A 138 21.85 -7.23 5.76
N PHE A 139 22.11 -5.96 5.45
CA PHE A 139 22.04 -4.88 6.41
C PHE A 139 21.26 -3.71 5.82
N VAL A 140 20.65 -2.93 6.70
CA VAL A 140 19.91 -1.74 6.28
C VAL A 140 20.28 -0.60 7.22
N MET A 141 20.58 0.56 6.65
CA MET A 141 20.86 1.77 7.40
C MET A 141 19.76 2.77 7.06
N ILE A 142 19.16 3.37 8.10
CA ILE A 142 18.11 4.37 7.88
C ILE A 142 18.52 5.61 8.66
N ALA A 143 18.85 6.69 7.94
CA ALA A 143 19.39 7.91 8.54
C ALA A 143 18.35 9.01 8.40
N ILE A 144 18.13 9.76 9.48
CA ILE A 144 17.18 10.87 9.50
C ILE A 144 17.95 12.15 9.22
N LEU A 145 17.58 12.86 8.16
CA LEU A 145 18.31 14.08 7.84
C LEU A 145 17.62 15.36 8.28
N ASN A 146 16.28 15.36 8.36
CA ASN A 146 15.57 16.57 8.77
C ASN A 146 14.14 16.18 9.08
N LYS A 147 13.60 16.71 10.17
CA LYS A 147 12.20 16.55 10.53
C LYS A 147 11.65 17.93 10.83
N VAL A 148 10.51 18.26 10.22
CA VAL A 148 9.90 19.57 10.37
C VAL A 148 8.43 19.38 10.69
N ASN A 149 8.02 19.73 11.90
CA ASN A 149 6.61 19.79 12.26
C ASN A 149 5.91 18.44 12.12
N VAL A 150 6.58 17.37 12.57
CA VAL A 150 5.94 16.05 12.53
C VAL A 150 6.00 15.41 13.91
N ALA A 151 5.06 14.51 14.14
CA ALA A 151 5.11 13.54 15.23
C ALA A 151 5.12 12.13 14.61
N GLY A 152 4.97 11.11 15.46
CA GLY A 152 4.96 9.77 14.90
C GLY A 152 6.33 9.41 14.32
N GLY A 153 6.32 8.56 13.30
CA GLY A 153 7.59 8.19 12.69
C GLY A 153 8.46 7.39 13.62
N THR A 154 7.85 6.49 14.39
CA THR A 154 8.57 5.68 15.38
C THR A 154 8.99 4.36 14.74
N THR A 155 10.29 4.09 14.78
CA THR A 155 10.83 2.83 14.27
C THR A 155 10.59 1.72 15.28
N ARG A 156 10.12 0.57 14.80
CA ARG A 156 9.86 -0.58 15.66
C ARG A 156 10.56 -1.80 15.09
N LEU A 157 11.31 -2.51 15.92
CA LEU A 157 12.08 -3.67 15.47
C LEU A 157 11.43 -4.93 16.01
N TRP A 158 11.35 -5.98 15.20
CA TRP A 158 10.57 -7.18 15.53
C TRP A 158 11.39 -8.44 15.34
N LYS A 159 11.35 -9.34 16.32
CA LYS A 159 11.89 -10.67 16.11
C LYS A 159 11.02 -11.41 15.10
N PRO A 160 11.61 -12.32 14.33
CA PRO A 160 10.83 -13.02 13.30
C PRO A 160 9.58 -13.68 13.88
N GLY A 161 8.44 -13.40 13.27
CA GLY A 161 7.18 -13.97 13.70
C GLY A 161 6.59 -13.42 14.98
N ALA A 162 7.27 -12.51 15.67
CA ALA A 162 6.74 -11.96 16.91
C ALA A 162 5.46 -11.15 16.67
N ASP A 163 4.63 -11.04 17.71
CA ASP A 163 3.39 -10.28 17.63
C ASP A 163 3.51 -8.87 18.21
N ALA A 164 4.68 -8.50 18.70
CA ALA A 164 4.96 -7.17 19.22
C ALA A 164 6.43 -6.90 18.98
N PRO A 165 6.83 -5.64 18.79
CA PRO A 165 8.25 -5.34 18.60
C PRO A 165 8.97 -5.41 19.94
N PHE A 166 10.25 -5.76 19.88
CA PHE A 166 11.04 -5.81 21.10
C PHE A 166 11.74 -4.49 21.37
N TRP A 167 11.82 -3.59 20.39
CA TRP A 167 12.48 -2.31 20.57
C TRP A 167 11.73 -1.27 19.75
N SER A 168 11.57 -0.06 20.31
CA SER A 168 10.94 1.03 19.58
C SER A 168 11.71 2.31 19.88
N GLY A 169 11.85 3.15 18.86
CA GLY A 169 12.50 4.44 19.05
C GLY A 169 12.14 5.42 17.95
N THR A 170 11.81 6.66 18.32
CA THR A 170 11.57 7.69 17.31
C THR A 170 12.90 8.32 16.95
N LEU A 171 13.40 8.02 15.76
CA LEU A 171 14.70 8.53 15.35
C LEU A 171 14.58 10.00 14.96
N GLU A 172 15.55 10.79 15.39
CA GLU A 172 15.52 12.24 15.15
C GLU A 172 16.60 12.62 14.18
N ALA A 173 16.48 13.84 13.65
CA ALA A 173 17.47 14.37 12.72
C ALA A 173 18.84 14.24 13.33
N GLY A 174 19.78 13.71 12.55
CA GLY A 174 21.12 13.45 13.04
C GLY A 174 21.33 12.06 13.61
N GLN A 175 20.30 11.21 13.61
CA GLN A 175 20.41 9.83 14.05
C GLN A 175 20.24 8.87 12.88
N ALA A 176 20.79 7.68 13.05
CA ALA A 176 20.58 6.59 12.09
C ALA A 176 20.47 5.28 12.84
N VAL A 177 19.65 4.36 12.32
CA VAL A 177 19.62 3.00 12.84
C VAL A 177 20.26 2.09 11.80
N LEU A 178 21.12 1.20 12.29
CA LEU A 178 21.72 0.14 11.50
C LEU A 178 21.10 -1.17 11.95
N LEU A 179 20.68 -2.00 11.01
CA LEU A 179 20.00 -3.21 11.44
C LEU A 179 20.40 -4.41 10.59
N ASP A 180 20.35 -5.57 11.22
CA ASP A 180 20.43 -6.86 10.55
C ASP A 180 19.10 -7.13 9.87
N ASP A 181 19.05 -6.91 8.55
CA ASP A 181 17.81 -6.99 7.80
C ASP A 181 17.31 -8.42 7.67
N ARG A 182 18.11 -9.40 8.09
CA ARG A 182 17.74 -10.81 8.00
C ARG A 182 17.19 -11.35 9.31
N GLY A 183 17.89 -11.09 10.42
CA GLY A 183 17.45 -11.56 11.72
C GLY A 183 16.37 -10.71 12.35
N LEU A 184 16.18 -9.49 11.87
CA LEU A 184 15.12 -8.62 12.36
C LEU A 184 14.21 -8.18 11.23
N ALA A 185 12.93 -7.99 11.55
CA ALA A 185 12.01 -7.26 10.68
C ALA A 185 11.75 -5.89 11.28
N HIS A 186 11.20 -4.98 10.46
CA HIS A 186 10.91 -3.64 10.98
C HIS A 186 9.66 -3.06 10.34
N ASP A 187 9.05 -2.14 11.07
CA ASP A 187 8.14 -1.19 10.47
C ASP A 187 8.32 0.14 11.20
N VAL A 188 7.61 1.16 10.72
CA VAL A 188 7.74 2.51 11.26
C VAL A 188 6.34 3.12 11.30
N THR A 189 5.98 3.74 12.43
CA THR A 189 4.64 4.32 12.50
C THR A 189 4.55 5.54 11.61
N ASP A 190 3.32 5.86 11.21
CA ASP A 190 3.10 6.97 10.28
C ASP A 190 3.67 8.28 10.82
N VAL A 191 4.17 9.10 9.90
CA VAL A 191 4.45 10.51 10.14
C VAL A 191 3.12 11.23 10.38
N LEU A 192 3.05 11.95 11.49
CA LEU A 192 1.86 12.74 11.82
C LEU A 192 2.17 14.22 11.81
N SER A 193 1.21 15.04 11.37
CA SER A 193 1.33 16.47 11.52
C SER A 193 1.45 16.81 12.99
N ALA A 194 2.43 17.64 13.33
CA ALA A 194 2.63 17.95 14.74
C ALA A 194 1.64 18.98 15.28
N ASP A 195 1.05 19.81 14.41
CA ASP A 195 0.16 20.87 14.88
C ASP A 195 -1.09 21.05 14.02
N GLY A 196 -1.31 20.19 13.04
CA GLY A 196 -2.39 20.36 12.09
C GLY A 196 -1.97 20.86 10.73
N GLY A 197 -0.78 21.46 10.63
CA GLY A 197 -0.28 21.97 9.37
C GLY A 197 0.67 20.97 8.72
N PRO A 198 1.25 21.38 7.59
CA PRO A 198 2.15 20.49 6.87
C PRO A 198 3.47 20.27 7.60
N GLY A 199 4.03 19.09 7.39
CA GLY A 199 5.29 18.71 7.99
C GLY A 199 5.92 17.67 7.09
N HIS A 200 7.19 17.37 7.35
CA HIS A 200 7.83 16.38 6.50
C HIS A 200 9.01 15.76 7.23
N ARG A 201 9.46 14.63 6.71
CA ARG A 201 10.53 13.83 7.32
C ARG A 201 11.43 13.37 6.19
N ASP A 202 12.68 13.78 6.26
CA ASP A 202 13.66 13.56 5.19
C ASP A 202 14.69 12.57 5.71
N ILE A 203 14.91 11.51 4.94
CA ILE A 203 15.70 10.36 5.35
C ILE A 203 16.49 9.84 4.16
N VAL A 204 17.45 8.96 4.43
CA VAL A 204 18.04 8.14 3.39
C VAL A 204 18.08 6.72 3.92
N ILE A 205 17.66 5.77 3.09
CA ILE A 205 17.68 4.35 3.39
C ILE A 205 18.75 3.73 2.53
N ILE A 206 19.71 3.03 3.14
CA ILE A 206 20.78 2.34 2.42
C ILE A 206 20.67 0.84 2.70
N ALA A 207 20.51 0.05 1.65
CA ALA A 207 20.36 -1.40 1.76
C ALA A 207 21.65 -2.04 1.23
N PHE A 208 22.28 -2.84 2.09
CA PHE A 208 23.59 -3.43 1.81
C PHE A 208 23.45 -4.88 1.39
N SER A 209 24.06 -5.23 0.26
CA SER A 209 24.12 -6.61 -0.19
C SER A 209 25.51 -6.86 -0.74
N ARG A 210 26.03 -8.07 -0.53
CA ARG A 210 27.29 -8.45 -1.16
C ARG A 210 27.14 -8.34 -2.66
N TRP A 211 28.20 -7.89 -3.33
CA TRP A 211 28.17 -7.77 -4.78
C TRP A 211 27.75 -9.09 -5.43
N ALA A 212 28.19 -10.22 -4.85
CA ALA A 212 27.78 -11.53 -5.35
C ALA A 212 26.28 -11.75 -5.27
N GLU A 213 25.56 -10.95 -4.48
CA GLU A 213 24.11 -11.04 -4.40
C GLU A 213 23.45 -9.71 -4.74
N LYS A 214 24.04 -8.95 -5.67
CA LYS A 214 23.64 -7.57 -5.88
C LYS A 214 22.20 -7.46 -6.35
N TRP A 215 21.54 -6.40 -5.92
CA TRP A 215 20.19 -6.04 -6.35
C TRP A 215 20.22 -5.08 -7.54
N TYR A 216 20.94 -5.47 -8.60
CA TYR A 216 21.26 -4.58 -9.70
C TYR A 216 21.59 -5.41 -10.93
N GLY A 217 21.01 -5.06 -12.07
CA GLY A 217 21.32 -5.73 -13.31
C GLY A 217 20.21 -6.67 -13.74
N ASP A 218 20.38 -7.20 -14.97
CA ASP A 218 19.29 -7.94 -15.62
C ASP A 218 18.86 -9.16 -14.83
N GLU A 219 19.79 -9.86 -14.18
CA GLU A 219 19.45 -11.08 -13.46
C GLU A 219 18.64 -10.76 -12.21
N HIS A 220 19.05 -9.74 -11.46
CA HIS A 220 18.25 -9.31 -10.32
C HIS A 220 16.87 -8.88 -10.78
N ASP A 221 16.81 -8.09 -11.85
CA ASP A 221 15.52 -7.61 -12.32
C ASP A 221 14.60 -8.78 -12.67
N ALA A 222 15.11 -9.73 -13.45
CA ALA A 222 14.28 -10.89 -13.80
C ALA A 222 13.75 -11.58 -12.56
N ALA A 223 14.60 -11.74 -11.54
CA ALA A 223 14.16 -12.43 -10.32
C ALA A 223 13.10 -11.63 -9.59
N ALA A 224 13.31 -10.31 -9.43
CA ALA A 224 12.38 -9.52 -8.65
C ALA A 224 11.05 -9.36 -9.37
N LEU A 225 11.09 -9.19 -10.70
CA LEU A 225 9.88 -9.08 -11.51
C LEU A 225 9.22 -10.43 -11.75
N GLU A 226 9.89 -11.53 -11.41
CA GLU A 226 9.43 -12.89 -11.72
C GLU A 226 9.17 -13.05 -13.21
N GLU A 227 10.19 -12.72 -14.00
CA GLU A 227 10.07 -12.71 -15.46
C GLU A 227 10.44 -14.06 -16.09
N PRO B 2 -29.54 -18.09 -0.43
CA PRO B 2 -28.33 -17.41 0.05
C PRO B 2 -27.03 -18.11 -0.33
N LEU B 3 -25.94 -17.78 0.38
CA LEU B 3 -24.61 -18.22 -0.02
C LEU B 3 -24.44 -19.73 0.12
N GLY B 4 -23.66 -20.31 -0.79
CA GLY B 4 -23.60 -21.75 -0.95
C GLY B 4 -22.57 -22.54 -0.15
N THR B 5 -22.87 -22.82 1.12
CA THR B 5 -22.09 -23.71 1.98
C THR B 5 -20.67 -23.20 2.28
N GLU B 6 -19.91 -22.83 1.26
CA GLU B 6 -18.57 -22.31 1.50
C GLU B 6 -18.51 -20.79 1.52
N GLY B 7 -19.65 -20.12 1.56
CA GLY B 7 -19.68 -18.72 1.95
C GLY B 7 -19.47 -17.72 0.86
N PHE B 8 -19.56 -18.12 -0.41
CA PHE B 8 -19.56 -17.20 -1.52
C PHE B 8 -20.47 -17.75 -2.60
N THR B 9 -20.99 -16.85 -3.43
CA THR B 9 -21.63 -17.25 -4.68
C THR B 9 -21.19 -16.28 -5.76
N VAL B 10 -21.12 -16.77 -7.00
CA VAL B 10 -20.90 -15.95 -8.18
C VAL B 10 -22.20 -15.89 -8.97
N ILE B 11 -22.62 -14.69 -9.34
CA ILE B 11 -23.88 -14.50 -10.06
C ILE B 11 -23.62 -13.72 -11.35
N ASP B 12 -24.53 -13.91 -12.30
CA ASP B 12 -24.63 -13.03 -13.47
C ASP B 12 -25.47 -11.82 -13.10
N LEU B 13 -25.09 -10.71 -13.62
CA LEU B 13 -25.83 -9.49 -13.35
C LEU B 13 -26.77 -9.20 -14.50
N PRO B 14 -27.85 -8.47 -14.24
CA PRO B 14 -28.70 -8.03 -15.34
C PRO B 14 -28.00 -6.93 -16.12
N GLU B 15 -28.58 -6.65 -17.29
CA GLU B 15 -28.23 -5.46 -18.06
C GLU B 15 -28.37 -4.21 -17.20
N VAL B 16 -27.48 -3.24 -17.42
CA VAL B 16 -27.46 -2.03 -16.62
C VAL B 16 -27.84 -0.83 -17.50
N ALA B 17 -28.39 0.20 -16.85
CA ALA B 17 -28.77 1.42 -17.54
C ALA B 17 -27.59 1.98 -18.35
N PRO B 18 -27.88 2.66 -19.46
CA PRO B 18 -26.79 3.07 -20.36
C PRO B 18 -25.88 4.15 -19.79
N ASP B 19 -26.25 4.81 -18.70
CA ASP B 19 -25.35 5.82 -18.16
C ASP B 19 -24.25 5.23 -17.29
N ILE B 20 -24.37 3.97 -16.88
CA ILE B 20 -23.50 3.44 -15.84
C ILE B 20 -22.08 3.27 -16.35
N LEU B 21 -21.89 2.58 -17.48
CA LEU B 21 -20.54 2.37 -17.99
C LEU B 21 -19.84 3.68 -18.32
N PRO B 22 -20.45 4.65 -19.01
CA PRO B 22 -19.73 5.90 -19.27
C PRO B 22 -19.36 6.68 -18.02
N SER B 23 -20.07 6.45 -16.91
CA SER B 23 -19.80 7.26 -15.73
C SER B 23 -18.40 6.99 -15.16
N TYR B 24 -17.80 5.84 -15.48
CA TYR B 24 -16.48 5.55 -14.95
C TYR B 24 -15.43 6.51 -15.48
N ASP B 25 -15.63 7.03 -16.69
CA ASP B 25 -14.75 8.07 -17.23
C ASP B 25 -14.74 9.33 -16.39
N ARG B 26 -15.81 9.61 -15.64
CA ARG B 26 -15.93 10.85 -14.88
C ARG B 26 -15.60 10.66 -13.40
N CYS B 27 -15.00 9.51 -13.03
CA CYS B 27 -14.61 9.28 -11.63
C CYS B 27 -13.24 9.91 -11.38
N PRO B 28 -13.08 10.75 -10.36
CA PRO B 28 -11.79 11.38 -10.14
C PRO B 28 -10.80 10.42 -9.51
N VAL B 29 -9.52 10.78 -9.66
CA VAL B 29 -8.46 9.91 -9.16
C VAL B 29 -8.63 9.71 -7.66
N ASP B 30 -8.27 8.52 -7.20
CA ASP B 30 -8.29 8.19 -5.79
C ASP B 30 -6.97 8.64 -5.18
N ASP B 31 -7.01 9.69 -4.36
CA ASP B 31 -5.78 10.23 -3.78
C ASP B 31 -5.17 9.35 -2.71
N TYR B 32 -5.88 8.32 -2.25
CA TYR B 32 -5.43 7.60 -1.06
C TYR B 32 -4.97 6.18 -1.32
N MET B 33 -5.33 5.59 -2.46
CA MET B 33 -5.05 4.18 -2.73
CA MET B 33 -4.99 4.20 -2.72
C MET B 33 -4.76 4.00 -4.21
N GLY B 34 -3.84 3.08 -4.51
CA GLY B 34 -3.55 2.71 -5.87
C GLY B 34 -2.51 3.57 -6.55
N ASN B 35 -1.97 4.57 -5.86
CA ASN B 35 -0.84 5.36 -6.33
C ASN B 35 -1.05 5.83 -7.76
N GLY B 36 -2.21 6.46 -7.99
CA GLY B 36 -2.55 6.99 -9.29
C GLY B 36 -3.24 6.04 -10.23
N THR B 37 -3.29 4.74 -9.91
CA THR B 37 -3.91 3.80 -10.84
C THR B 37 -5.41 3.67 -10.64
N ARG B 38 -5.95 4.29 -9.59
CA ARG B 38 -7.32 4.06 -9.17
C ARG B 38 -8.13 5.35 -9.25
N PHE B 39 -9.40 5.21 -9.62
CA PHE B 39 -10.35 6.31 -9.77
C PHE B 39 -11.65 5.91 -9.09
N LYS B 40 -12.30 6.83 -8.39
CA LYS B 40 -13.27 6.40 -7.39
C LYS B 40 -14.37 7.42 -7.14
N ARG B 41 -15.59 6.91 -6.92
CA ARG B 41 -16.68 7.66 -6.31
C ARG B 41 -17.31 6.77 -5.24
N PHE B 42 -17.94 7.40 -4.26
CA PHE B 42 -18.34 6.73 -3.02
C PHE B 42 -19.65 7.31 -2.50
N SER B 43 -20.64 6.45 -2.25
CA SER B 43 -21.89 6.87 -1.63
CA SER B 43 -21.90 6.85 -1.64
C SER B 43 -22.32 5.81 -0.62
N GLN B 44 -23.19 6.21 0.29
CA GLN B 44 -23.67 5.30 1.32
C GLN B 44 -25.18 5.32 1.34
N TYR B 45 -25.78 4.17 1.61
CA TYR B 45 -27.22 4.02 1.61
C TYR B 45 -27.68 3.32 2.87
N LYS B 46 -28.90 3.63 3.26
CA LYS B 46 -29.67 2.86 4.23
C LYS B 46 -30.58 1.91 3.46
N LEU B 47 -30.56 0.63 3.84
CA LEU B 47 -31.40 -0.40 3.27
C LEU B 47 -32.45 -0.78 4.29
N THR B 48 -33.72 -0.68 3.90
CA THR B 48 -34.84 -1.00 4.73
C THR B 48 -35.75 -2.00 4.02
N PRO B 49 -36.21 -3.05 4.72
CA PRO B 49 -37.20 -3.94 4.11
C PRO B 49 -38.51 -3.19 3.88
N ALA B 50 -39.07 -3.38 2.70
CA ALA B 50 -40.23 -2.62 2.23
C ALA B 50 -41.30 -3.58 1.71
N GLU B 51 -42.19 -4.02 2.59
CA GLU B 51 -43.45 -4.70 2.22
C GLU B 51 -43.12 -6.02 1.53
N ASP B 52 -43.81 -6.36 0.45
CA ASP B 52 -43.74 -7.69 -0.14
C ASP B 52 -42.40 -7.93 -0.81
N ASP B 53 -41.40 -8.34 -0.01
CA ASP B 53 -40.08 -8.74 -0.50
C ASP B 53 -39.41 -7.65 -1.33
N THR B 54 -39.62 -6.40 -0.97
CA THR B 54 -38.90 -5.31 -1.59
C THR B 54 -38.00 -4.65 -0.57
N TRP B 55 -36.87 -4.14 -1.04
CA TRP B 55 -35.97 -3.35 -0.22
C TRP B 55 -35.93 -1.94 -0.78
N SER B 56 -35.98 -0.96 0.12
CA SER B 56 -35.90 0.42 -0.29
C SER B 56 -34.51 0.97 0.00
N PHE B 57 -34.02 1.84 -0.89
CA PHE B 57 -32.71 2.44 -0.79
C PHE B 57 -32.86 3.93 -0.52
N LYS B 58 -32.13 4.43 0.47
CA LYS B 58 -32.09 5.86 0.76
C LYS B 58 -30.65 6.31 0.83
N ARG B 59 -30.28 7.25 -0.03
CA ARG B 59 -28.93 7.79 -0.07
C ARG B 59 -28.72 8.65 1.16
N LEU B 60 -27.65 8.37 1.91
CA LEU B 60 -27.36 9.09 3.14
C LEU B 60 -26.57 10.35 2.83
N PRO B 61 -26.67 11.36 3.69
CA PRO B 61 -25.85 12.56 3.49
C PRO B 61 -24.39 12.17 3.31
N HIS B 62 -23.77 12.75 2.27
CA HIS B 62 -22.43 12.38 1.86
C HIS B 62 -21.42 12.61 2.98
N ARG B 63 -20.66 11.58 3.34
CA ARG B 63 -19.62 11.72 4.34
C ARG B 63 -18.30 11.13 3.85
N ASP B 64 -17.20 11.58 4.44
CA ASP B 64 -15.91 10.94 4.20
C ASP B 64 -16.00 9.45 4.48
N TYR B 65 -15.29 8.68 3.67
CA TYR B 65 -15.11 7.25 3.90
C TYR B 65 -14.07 7.02 4.98
N THR B 66 -14.38 6.17 5.96
CA THR B 66 -13.42 5.77 6.97
C THR B 66 -13.52 4.26 7.16
N THR B 67 -12.37 3.59 7.21
CA THR B 67 -12.31 2.18 7.56
C THR B 67 -11.22 1.98 8.59
N TYR B 68 -11.08 0.75 9.08
CA TYR B 68 -10.14 0.44 10.16
C TYR B 68 -8.82 -0.07 9.61
N LYS B 69 -7.71 0.32 10.25
CA LYS B 69 -6.43 -0.25 9.85
C LYS B 69 -6.39 -1.76 10.05
N LYS B 70 -7.14 -2.27 11.01
CA LYS B 70 -7.17 -3.72 11.20
C LYS B 70 -7.76 -4.46 10.01
N PHE B 71 -8.57 -3.80 9.19
CA PHE B 71 -9.09 -4.42 7.97
C PHE B 71 -8.33 -3.99 6.73
N ASN B 72 -7.91 -2.73 6.65
CA ASN B 72 -7.17 -2.23 5.50
C ASN B 72 -6.00 -1.43 6.05
N PRO B 73 -4.85 -2.07 6.25
CA PRO B 73 -3.70 -1.35 6.82
C PRO B 73 -3.16 -0.27 5.92
N VAL B 74 -3.42 -0.34 4.60
CA VAL B 74 -2.89 0.67 3.69
C VAL B 74 -3.79 1.90 3.65
N GLY B 75 -5.11 1.71 3.72
CA GLY B 75 -6.01 2.84 3.56
C GLY B 75 -6.94 3.10 4.72
N GLY B 76 -6.69 2.45 5.86
CA GLY B 76 -7.54 2.59 7.01
C GLY B 76 -7.09 3.70 7.94
N GLY B 77 -7.96 4.02 8.89
CA GLY B 77 -7.65 4.99 9.93
C GLY B 77 -7.56 6.42 9.47
N ILE B 78 -7.97 6.74 8.24
CA ILE B 78 -7.93 8.11 7.76
C ILE B 78 -9.27 8.49 7.14
N ARG B 79 -9.56 9.78 7.15
CA ARG B 79 -10.70 10.33 6.44
C ARG B 79 -10.36 10.41 4.96
N ARG B 80 -11.17 9.77 4.14
CA ARG B 80 -10.93 9.71 2.71
C ARG B 80 -12.05 10.47 2.01
N VAL B 81 -11.70 11.63 1.47
CA VAL B 81 -12.67 12.57 0.89
C VAL B 81 -12.87 12.18 -0.55
N TYR B 82 -14.05 11.64 -0.87
CA TYR B 82 -14.38 11.19 -2.20
C TYR B 82 -15.64 11.92 -2.67
N GLU B 83 -15.79 12.00 -3.93
CA GLU B 83 -17.03 12.59 -4.44
C GLU B 83 -18.14 11.54 -4.48
N PRO B 84 -19.41 11.98 -4.44
CA PRO B 84 -20.51 11.03 -4.52
C PRO B 84 -20.57 10.35 -5.88
N ILE B 85 -21.15 9.15 -5.87
CA ILE B 85 -21.50 8.45 -7.10
C ILE B 85 -22.62 9.21 -7.80
N GLU B 86 -22.50 9.36 -9.11
CA GLU B 86 -23.53 10.08 -9.85
C GLU B 86 -24.67 9.15 -10.23
N VAL B 87 -24.36 7.94 -10.67
CA VAL B 87 -25.35 7.06 -11.25
C VAL B 87 -26.04 6.28 -10.15
N ASP B 88 -26.89 5.34 -10.54
CA ASP B 88 -27.73 4.61 -9.60
C ASP B 88 -27.41 3.13 -9.70
N PHE B 89 -26.60 2.64 -8.79
CA PHE B 89 -26.27 1.22 -8.74
C PHE B 89 -27.30 0.39 -7.99
N THR B 90 -28.39 1.00 -7.51
CA THR B 90 -29.27 0.24 -6.62
C THR B 90 -29.98 -0.94 -7.31
N PRO B 91 -30.38 -0.86 -8.58
CA PRO B 91 -30.95 -2.08 -9.19
C PRO B 91 -29.96 -3.24 -9.27
N LEU B 92 -28.72 -2.95 -9.64
CA LEU B 92 -27.67 -3.96 -9.55
C LEU B 92 -27.54 -4.50 -8.13
N ILE B 93 -27.49 -3.60 -7.13
CA ILE B 93 -27.34 -4.05 -5.74
C ILE B 93 -28.51 -4.92 -5.32
N SER B 94 -29.73 -4.60 -5.76
CA SER B 94 -30.90 -5.43 -5.43
C SER B 94 -30.68 -6.89 -5.78
N GLU B 95 -29.98 -7.17 -6.89
CA GLU B 95 -29.71 -8.55 -7.25
C GLU B 95 -28.90 -9.25 -6.17
N GLY B 96 -27.92 -8.55 -5.60
CA GLY B 96 -27.13 -9.15 -4.53
C GLY B 96 -27.93 -9.36 -3.27
N ILE B 97 -28.75 -8.38 -2.90
CA ILE B 97 -29.64 -8.54 -1.75
C ILE B 97 -30.51 -9.78 -1.93
N ARG B 98 -31.01 -9.98 -3.15
CA ARG B 98 -31.87 -11.14 -3.42
C ARG B 98 -31.10 -12.44 -3.27
N GLU B 99 -29.89 -12.48 -3.82
CA GLU B 99 -29.09 -13.70 -3.72
C GLU B 99 -28.57 -13.91 -2.30
N LEU B 100 -28.25 -12.85 -1.57
CA LEU B 100 -27.88 -13.00 -0.16
C LEU B 100 -29.05 -13.41 0.71
N GLY B 101 -30.27 -13.03 0.32
CA GLY B 101 -31.40 -13.16 1.20
C GLY B 101 -31.15 -12.43 2.50
N LEU B 102 -30.81 -11.15 2.40
CA LEU B 102 -30.51 -10.33 3.56
C LEU B 102 -31.62 -10.42 4.61
N ASP B 103 -31.21 -10.50 5.88
CA ASP B 103 -32.11 -10.59 7.03
C ASP B 103 -33.08 -9.42 7.07
N ARG B 104 -34.36 -9.69 6.83
CA ARG B 104 -35.36 -8.63 6.76
C ARG B 104 -35.76 -8.11 8.12
N SER B 105 -35.22 -8.68 9.20
CA SER B 105 -35.67 -8.36 10.54
C SER B 105 -35.09 -7.07 11.11
N GLU B 106 -34.11 -6.46 10.46
CA GLU B 106 -33.62 -5.15 10.88
C GLU B 106 -33.07 -4.45 9.67
N PRO B 107 -32.99 -3.13 9.67
CA PRO B 107 -32.48 -2.42 8.49
C PRO B 107 -30.97 -2.60 8.37
N TRP B 108 -30.46 -2.26 7.19
CA TRP B 108 -29.06 -2.45 6.83
C TRP B 108 -28.49 -1.14 6.34
N GLN B 109 -27.15 -1.07 6.33
CA GLN B 109 -26.42 0.08 5.78
C GLN B 109 -25.37 -0.45 4.81
N ILE B 110 -25.16 0.25 3.69
CA ILE B 110 -24.16 -0.18 2.72
C ILE B 110 -23.21 0.95 2.36
N ASN B 111 -21.95 0.56 2.12
CA ASN B 111 -20.98 1.40 1.45
C ASN B 111 -20.91 0.96 0.00
N VAL B 112 -20.88 1.94 -0.90
CA VAL B 112 -20.86 1.68 -2.34
C VAL B 112 -19.63 2.38 -2.92
N HIS B 113 -18.72 1.58 -3.46
CA HIS B 113 -17.47 2.07 -4.05
C HIS B 113 -17.57 1.88 -5.55
N GLN B 114 -17.55 2.97 -6.29
CA GLN B 114 -17.44 2.91 -7.74
C GLN B 114 -15.98 3.07 -8.09
N ASN B 115 -15.33 1.97 -8.51
CA ASN B 115 -13.88 1.90 -8.67
C ASN B 115 -13.54 1.64 -10.12
N ARG B 116 -12.65 2.45 -10.68
CA ARG B 116 -11.90 2.10 -11.89
C ARG B 116 -10.44 1.91 -11.51
N THR B 117 -9.85 0.80 -11.93
CA THR B 117 -8.41 0.60 -11.83
C THR B 117 -7.84 0.49 -13.23
N ARG B 118 -6.76 1.22 -13.49
CA ARG B 118 -6.12 1.21 -14.80
C ARG B 118 -4.83 0.41 -14.77
N ALA B 119 -4.50 -0.22 -15.89
CA ALA B 119 -3.22 -0.86 -16.06
C ALA B 119 -2.59 -0.35 -17.36
N ASP B 120 -1.27 -0.44 -17.41
CA ASP B 120 -0.53 -0.09 -18.61
C ASP B 120 0.68 -1.01 -18.71
N GLY B 121 1.38 -0.91 -19.85
CA GLY B 121 2.52 -1.77 -20.10
C GLY B 121 3.47 -1.87 -18.92
N GLY B 122 3.93 -0.73 -18.42
CA GLY B 122 4.87 -0.85 -17.30
C GLY B 122 4.24 -1.18 -15.95
N ARG B 123 2.95 -1.02 -15.84
CA ARG B 123 2.40 -0.72 -14.52
C ARG B 123 1.10 -1.46 -14.32
N PRO B 124 1.11 -2.58 -13.61
CA PRO B 124 -0.15 -3.23 -13.26
C PRO B 124 -1.01 -2.32 -12.39
N GLY B 125 -2.30 -2.60 -12.35
CA GLY B 125 -3.19 -1.89 -11.49
C GLY B 125 -3.54 -2.70 -10.26
N PRO B 126 -3.04 -2.29 -9.09
CA PRO B 126 -3.24 -3.08 -7.87
C PRO B 126 -4.68 -2.98 -7.40
N LEU B 127 -5.27 -4.14 -7.10
CA LEU B 127 -6.67 -4.21 -6.67
C LEU B 127 -6.82 -4.35 -5.16
N THR B 128 -5.91 -5.07 -4.51
CA THR B 128 -5.94 -5.23 -3.05
C THR B 128 -4.52 -5.10 -2.52
N PRO B 129 -3.94 -3.90 -2.57
CA PRO B 129 -2.59 -3.73 -2.00
C PRO B 129 -2.54 -4.03 -0.52
N GLU B 130 -3.67 -3.97 0.16
CA GLU B 130 -3.72 -4.43 1.54
C GLU B 130 -3.49 -5.93 1.67
N GLY B 131 -3.54 -6.68 0.58
CA GLY B 131 -3.35 -8.13 0.65
C GLY B 131 -4.61 -8.87 1.05
N VAL B 132 -4.42 -10.13 1.48
CA VAL B 132 -5.54 -10.95 1.93
C VAL B 132 -6.13 -10.32 3.18
N HIS B 133 -7.46 -10.17 3.22
CA HIS B 133 -8.05 -9.32 4.25
C HIS B 133 -9.56 -9.55 4.28
N HIS B 134 -10.16 -9.18 5.41
CA HIS B 134 -11.59 -8.95 5.55
C HIS B 134 -11.88 -7.46 5.41
N ASP B 135 -12.99 -7.11 4.76
CA ASP B 135 -13.33 -5.69 4.73
C ASP B 135 -13.87 -5.21 6.06
N GLY B 136 -14.30 -6.12 6.93
CA GLY B 136 -14.84 -5.75 8.21
C GLY B 136 -16.35 -5.74 8.29
N HIS B 137 -17.05 -6.07 7.19
CA HIS B 137 -18.49 -6.06 7.19
C HIS B 137 -19.02 -7.50 7.27
N GLU B 138 -20.35 -7.63 7.23
CA GLU B 138 -20.98 -8.94 7.24
C GLU B 138 -20.96 -9.58 5.86
N PHE B 139 -21.35 -8.84 4.84
CA PHE B 139 -21.35 -9.34 3.48
C PHE B 139 -20.71 -8.31 2.57
N VAL B 140 -20.15 -8.80 1.47
CA VAL B 140 -19.51 -7.94 0.48
C VAL B 140 -19.94 -8.43 -0.91
N MET B 141 -20.24 -7.48 -1.80
CA MET B 141 -20.62 -7.77 -3.17
C MET B 141 -19.66 -7.01 -4.05
N ILE B 142 -19.02 -7.72 -4.99
CA ILE B 142 -18.09 -7.10 -5.91
C ILE B 142 -18.55 -7.42 -7.31
N ALA B 143 -18.89 -6.38 -8.07
CA ALA B 143 -19.50 -6.56 -9.37
C ALA B 143 -18.61 -5.96 -10.43
N ILE B 144 -18.43 -6.67 -11.54
CA ILE B 144 -17.60 -6.21 -12.66
C ILE B 144 -18.52 -5.60 -13.70
N LEU B 145 -18.31 -4.33 -14.03
CA LEU B 145 -19.16 -3.69 -15.02
C LEU B 145 -18.51 -3.53 -16.37
N ASN B 146 -17.17 -3.54 -16.43
CA ASN B 146 -16.50 -3.44 -17.71
C ASN B 146 -15.03 -3.77 -17.52
N LYS B 147 -14.46 -4.47 -18.49
CA LYS B 147 -13.03 -4.73 -18.55
C LYS B 147 -12.60 -4.46 -19.97
N VAL B 148 -11.56 -3.64 -20.13
CA VAL B 148 -11.05 -3.28 -21.44
C VAL B 148 -9.55 -3.54 -21.45
N ASN B 149 -9.11 -4.49 -22.27
CA ASN B 149 -7.69 -4.72 -22.53
C ASN B 149 -6.89 -5.03 -21.27
N VAL B 150 -7.44 -5.88 -20.40
CA VAL B 150 -6.75 -6.24 -19.18
C VAL B 150 -6.75 -7.75 -19.02
N ALA B 151 -5.69 -8.27 -18.42
CA ALA B 151 -5.64 -9.64 -17.93
C ALA B 151 -5.45 -9.60 -16.40
N GLY B 152 -5.25 -10.77 -15.80
CA GLY B 152 -5.11 -10.80 -14.36
C GLY B 152 -6.41 -10.43 -13.67
N GLY B 153 -6.30 -9.74 -12.54
CA GLY B 153 -7.51 -9.40 -11.79
C GLY B 153 -8.28 -10.62 -11.31
N THR B 154 -7.57 -11.59 -10.76
CA THR B 154 -8.18 -12.85 -10.34
C THR B 154 -8.54 -12.78 -8.87
N THR B 155 -9.83 -12.96 -8.57
CA THR B 155 -10.31 -13.00 -7.20
C THR B 155 -9.91 -14.30 -6.54
N ARG B 156 -9.35 -14.22 -5.33
CA ARG B 156 -8.98 -15.42 -4.58
C ARG B 156 -9.61 -15.39 -3.20
N LEU B 157 -10.25 -16.50 -2.82
CA LEU B 157 -10.95 -16.58 -1.54
C LEU B 157 -10.20 -17.50 -0.58
N TRP B 158 -10.11 -17.09 0.69
CA TRP B 158 -9.22 -17.73 1.64
C TRP B 158 -9.93 -18.04 2.95
N LYS B 159 -9.77 -19.27 3.43
CA LYS B 159 -10.18 -19.60 4.78
C LYS B 159 -9.22 -18.96 5.79
N PRO B 160 -9.72 -18.60 6.97
CA PRO B 160 -8.84 -18.06 8.02
C PRO B 160 -7.64 -18.96 8.27
N GLY B 161 -6.45 -18.38 8.14
CA GLY B 161 -5.22 -19.09 8.39
C GLY B 161 -4.71 -19.94 7.25
N ALA B 162 -5.46 -20.06 6.17
CA ALA B 162 -5.00 -20.91 5.06
C ALA B 162 -3.76 -20.31 4.42
N ASP B 163 -2.85 -21.19 3.99
CA ASP B 163 -1.67 -20.80 3.23
C ASP B 163 -1.97 -20.57 1.75
N ALA B 164 -3.15 -20.95 1.27
CA ALA B 164 -3.49 -20.85 -0.14
C ALA B 164 -5.00 -20.64 -0.23
N PRO B 165 -5.47 -19.97 -1.28
CA PRO B 165 -6.91 -19.79 -1.44
C PRO B 165 -7.58 -21.11 -1.78
N PHE B 166 -8.79 -21.30 -1.30
CA PHE B 166 -9.53 -22.49 -1.66
C PHE B 166 -10.33 -22.31 -2.94
N TRP B 167 -10.54 -21.06 -3.38
CA TRP B 167 -11.25 -20.82 -4.62
C TRP B 167 -10.61 -19.63 -5.32
N SER B 168 -10.48 -19.72 -6.65
CA SER B 168 -9.99 -18.62 -7.44
C SER B 168 -10.82 -18.52 -8.71
N GLY B 169 -11.01 -17.29 -9.18
CA GLY B 169 -11.73 -17.06 -10.42
C GLY B 169 -11.59 -15.63 -10.86
N THR B 170 -11.33 -15.43 -12.15
CA THR B 170 -11.26 -14.09 -12.72
C THR B 170 -12.66 -13.66 -13.10
N LEU B 171 -13.24 -12.76 -12.31
CA LEU B 171 -14.59 -12.32 -12.54
C LEU B 171 -14.66 -11.44 -13.79
N GLU B 172 -15.63 -11.70 -14.66
CA GLU B 172 -15.71 -10.95 -15.90
C GLU B 172 -16.84 -9.94 -15.85
N ALA B 173 -16.82 -9.02 -16.81
CA ALA B 173 -17.87 -8.02 -16.96
C ALA B 173 -19.23 -8.70 -17.00
N GLY B 174 -20.12 -8.27 -16.12
CA GLY B 174 -21.42 -8.89 -15.97
C GLY B 174 -21.49 -9.97 -14.93
N GLN B 175 -20.42 -10.15 -14.15
CA GLN B 175 -20.40 -11.08 -13.03
C GLN B 175 -20.25 -10.32 -11.73
N ALA B 176 -20.73 -10.93 -10.65
CA ALA B 176 -20.52 -10.43 -9.31
C ALA B 176 -20.23 -11.60 -8.40
N VAL B 177 -19.36 -11.39 -7.41
CA VAL B 177 -19.19 -12.35 -6.34
C VAL B 177 -19.83 -11.78 -5.09
N LEU B 178 -20.52 -12.62 -4.36
CA LEU B 178 -21.11 -12.29 -3.06
C LEU B 178 -20.37 -13.12 -2.03
N LEU B 179 -19.95 -12.51 -0.94
CA LEU B 179 -19.17 -13.31 0.00
C LEU B 179 -19.51 -12.97 1.43
N ASP B 180 -19.38 -13.99 2.27
CA ASP B 180 -19.37 -13.82 3.72
C ASP B 180 -18.04 -13.19 4.12
N ASP B 181 -18.07 -11.89 4.43
CA ASP B 181 -16.86 -11.11 4.65
C ASP B 181 -16.23 -11.40 6.00
N ARG B 182 -16.93 -12.16 6.85
CA ARG B 182 -16.46 -12.59 8.15
C ARG B 182 -15.82 -13.97 8.10
N GLY B 183 -16.53 -14.96 7.55
CA GLY B 183 -16.01 -16.31 7.41
C GLY B 183 -14.89 -16.46 6.41
N LEU B 184 -14.79 -15.57 5.44
CA LEU B 184 -13.77 -15.64 4.39
C LEU B 184 -12.97 -14.35 4.34
N ALA B 185 -11.69 -14.48 3.99
CA ALA B 185 -10.89 -13.35 3.57
C ALA B 185 -10.74 -13.41 2.05
N HIS B 186 -10.28 -12.30 1.46
CA HIS B 186 -10.09 -12.31 0.01
C HIS B 186 -8.94 -11.39 -0.36
N ASP B 187 -8.31 -11.70 -1.50
CA ASP B 187 -7.50 -10.73 -2.22
C ASP B 187 -7.78 -10.91 -3.70
N VAL B 188 -7.19 -10.06 -4.53
CA VAL B 188 -7.40 -10.11 -5.98
C VAL B 188 -6.07 -9.79 -6.64
N THR B 189 -5.68 -10.58 -7.64
CA THR B 189 -4.39 -10.31 -8.27
C THR B 189 -4.48 -9.02 -9.05
N ASP B 190 -3.31 -8.41 -9.27
CA ASP B 190 -3.24 -7.15 -9.99
C ASP B 190 -3.85 -7.28 -11.37
N VAL B 191 -4.47 -6.18 -11.81
CA VAL B 191 -4.86 -5.98 -13.19
C VAL B 191 -3.61 -5.81 -14.03
N LEU B 192 -3.52 -6.54 -15.12
CA LEU B 192 -2.41 -6.45 -16.04
C LEU B 192 -2.87 -5.91 -17.38
N SER B 193 -2.02 -5.10 -18.03
CA SER B 193 -2.26 -4.72 -19.41
C SER B 193 -2.24 -5.97 -20.29
N ALA B 194 -3.25 -6.15 -21.13
CA ALA B 194 -3.34 -7.37 -21.90
C ALA B 194 -2.38 -7.39 -23.10
N ASP B 195 -2.04 -6.23 -23.65
CA ASP B 195 -1.21 -6.20 -24.84
C ASP B 195 -0.03 -5.23 -24.70
N GLY B 196 0.15 -4.61 -23.54
CA GLY B 196 1.17 -3.61 -23.35
C GLY B 196 0.66 -2.19 -23.38
N GLY B 197 -0.55 -1.98 -23.87
CA GLY B 197 -1.13 -0.66 -23.85
C GLY B 197 -2.04 -0.46 -22.65
N PRO B 198 -2.68 0.70 -22.57
CA PRO B 198 -3.59 0.97 -21.46
C PRO B 198 -4.80 0.05 -21.43
N GLY B 199 -5.29 -0.20 -20.22
CA GLY B 199 -6.50 -0.97 -20.01
C GLY B 199 -7.05 -0.61 -18.66
N HIS B 200 -8.32 -0.96 -18.43
CA HIS B 200 -8.94 -0.62 -17.16
C HIS B 200 -9.97 -1.67 -16.80
N ARG B 201 -10.38 -1.64 -15.53
CA ARG B 201 -11.35 -2.58 -14.97
C ARG B 201 -12.28 -1.76 -14.08
N ASP B 202 -13.56 -1.76 -14.41
CA ASP B 202 -14.57 -0.93 -13.76
C ASP B 202 -15.50 -1.81 -12.96
N ILE B 203 -15.62 -1.54 -11.65
CA ILE B 203 -16.34 -2.40 -10.71
C ILE B 203 -17.16 -1.56 -9.74
N VAL B 204 -17.99 -2.24 -8.97
CA VAL B 204 -18.60 -1.65 -7.77
C VAL B 204 -18.44 -2.64 -6.63
N ILE B 205 -18.01 -2.12 -5.48
CA ILE B 205 -17.91 -2.86 -4.23
C ILE B 205 -19.01 -2.33 -3.34
N ILE B 206 -19.83 -3.25 -2.81
CA ILE B 206 -20.90 -2.91 -1.88
C ILE B 206 -20.65 -3.69 -0.59
N ALA B 207 -20.49 -2.97 0.52
CA ALA B 207 -20.25 -3.60 1.81
C ALA B 207 -21.49 -3.47 2.68
N PHE B 208 -21.99 -4.61 3.15
CA PHE B 208 -23.26 -4.70 3.85
C PHE B 208 -23.03 -4.83 5.35
N SER B 209 -23.69 -3.98 6.12
CA SER B 209 -23.66 -4.01 7.56
C SER B 209 -25.06 -3.71 8.07
N ARG B 210 -25.49 -4.43 9.10
CA ARG B 210 -26.73 -4.10 9.78
C ARG B 210 -26.66 -2.67 10.29
N TRP B 211 -27.78 -1.95 10.18
CA TRP B 211 -27.81 -0.55 10.58
C TRP B 211 -27.30 -0.38 12.00
N ALA B 212 -27.58 -1.35 12.87
CA ALA B 212 -27.12 -1.34 14.26
C ALA B 212 -25.60 -1.38 14.35
N GLU B 213 -24.93 -1.79 13.28
CA GLU B 213 -23.47 -1.86 13.18
C GLU B 213 -22.97 -1.01 12.03
N LYS B 214 -23.69 0.08 11.72
CA LYS B 214 -23.47 0.82 10.49
C LYS B 214 -22.07 1.44 10.44
N TRP B 215 -21.53 1.54 9.24
CA TRP B 215 -20.23 2.19 8.98
C TRP B 215 -20.41 3.65 8.61
N TYR B 216 -21.20 4.36 9.42
CA TYR B 216 -21.69 5.69 9.04
C TYR B 216 -21.91 6.50 10.31
N GLY B 217 -21.45 7.74 10.33
CA GLY B 217 -21.72 8.63 11.44
C GLY B 217 -20.51 8.84 12.32
N ASP B 218 -20.69 9.72 13.32
CA ASP B 218 -19.57 10.17 14.15
C ASP B 218 -19.00 9.04 15.01
N GLU B 219 -19.86 8.17 15.50
CA GLU B 219 -19.37 7.07 16.32
C GLU B 219 -18.51 6.12 15.50
N HIS B 220 -18.98 5.75 14.31
CA HIS B 220 -18.16 4.89 13.45
C HIS B 220 -16.85 5.57 13.10
N ASP B 221 -16.91 6.82 12.63
CA ASP B 221 -15.70 7.54 12.27
C ASP B 221 -14.71 7.55 13.43
N ALA B 222 -15.18 7.95 14.62
CA ALA B 222 -14.31 7.98 15.79
C ALA B 222 -13.64 6.63 16.01
N ALA B 223 -14.39 5.54 15.90
CA ALA B 223 -13.81 4.21 16.08
C ALA B 223 -12.81 3.89 14.98
N ALA B 224 -13.16 4.20 13.73
CA ALA B 224 -12.27 3.81 12.63
C ALA B 224 -10.96 4.59 12.67
N LEU B 225 -11.02 5.85 13.10
CA LEU B 225 -9.86 6.73 13.17
C LEU B 225 -9.08 6.59 14.48
N GLU B 226 -9.57 5.83 15.45
CA GLU B 226 -8.93 5.64 16.76
C GLU B 226 -8.63 6.95 17.47
C ACY C . 15.75 -1.67 -1.08
O ACY C . 15.50 -2.87 -1.24
OXT ACY C . 16.52 -0.96 -1.78
CH3 ACY C . 15.00 -0.98 0.08
C ACY D . 11.40 2.45 -0.20
O ACY D . 10.72 1.81 -1.05
OXT ACY D . 11.24 3.63 0.15
CH3 ACY D . 12.58 1.73 0.49
C ACY E . 11.64 4.84 7.59
O ACY E . 10.92 5.67 6.99
OXT ACY E . 12.20 4.98 8.70
CH3 ACY E . 11.93 3.49 6.86
MG MG F . 13.35 -4.22 -0.66
MG MG G . 10.83 -0.65 -1.67
MG MG H . 10.00 5.57 4.50
MG MG I . 1.75 2.66 -1.06
C1 EDO J . -23.82 -5.66 -17.41
O1 EDO J . -24.23 -6.68 -16.54
C2 EDO J . -22.36 -5.36 -17.13
O2 EDO J . -21.95 -4.26 -17.89
C ACY K . -11.76 -6.24 -6.56
O ACY K . -11.24 -5.32 -7.22
OXT ACY K . -12.22 -7.33 -6.99
CH3 ACY K . -11.90 -6.04 -5.02
C ACY L . -15.86 -0.82 2.87
O ACY L . -15.40 -1.02 4.02
OXT ACY L . -16.67 0.07 2.54
CH3 ACY L . -15.36 -1.76 1.76
C ACY M . -11.62 0.41 -1.71
O ACY M . -10.96 1.06 -0.88
OXT ACY M . -11.65 0.56 -2.95
CH3 ACY M . -12.53 -0.72 -1.16
MG MG N . -10.21 -3.02 -6.32
MG MG O . -13.20 -1.79 4.85
MG MG P . -0.68 1.16 -5.66
MG MG Q . -10.06 2.62 -3.00
#